data_6YVA
#
_entry.id   6YVA
#
_cell.length_a   157.047
_cell.length_b   157.047
_cell.length_c   83.633
_cell.angle_alpha   90.000
_cell.angle_beta   90.000
_cell.angle_gamma   120.000
#
_symmetry.space_group_name_H-M   'P 62 2 2'
#
loop_
_entity.id
_entity.type
_entity.pdbx_description
1 polymer 'Replicase polyprotein 1a'
2 polymer 'Ubiquitin-like protein ISG15'
3 non-polymer 'ZINC ION'
4 water water
#
loop_
_entity_poly.entity_id
_entity_poly.type
_entity_poly.pdbx_seq_one_letter_code
_entity_poly.pdbx_strand_id
1 'polypeptide(L)'
;EVRTIKVFTTVDNINLHTQVVDMSMTYGQQFGPTYLDGADVTKIKPHNSHEGKTFYVLPNDDTLRVEAFEYYHTTDPSFL
GRYMSALNHTKKWKYPQVNGLTSIKWADNNSYLATALLTLQQIELKFNPPALQDAYYRARAGEAANFCALILAYCNKTVG
ELGDVRETMSYLFQHANLDSCKRVLNVVCKTCGQQQTTLKGVEAVMYMGTLSYEQFKKGVQIPCTCGKQATKYLVQQESP
FVMMSAPPAQYELKHGTFTCASEYTGNYQCGHYKHITSKETLYCIDGALLTKSSEYKGPITDVFYKENSYTTTIK
;
A
2 'polypeptide(L)'
;MAWDLKVKMLGGNDFLVSVTNSMTVSELKKQIAQKIGVPAFQQRLAHQTAVLQDGLTLSSLGLGPSSTVMLVVQNCSEPL
SILVRNERGHSNIYEVFLTQTVDTLKKKVSQREQVHEDQFWLSFEGRPMEDKELLGEYGLKPQCTVIKHLRLRGGGGDQC
A
;
C
#
loop_
_chem_comp.id
_chem_comp.type
_chem_comp.name
_chem_comp.formula
ZN non-polymer 'ZINC ION' 'Zn 2'
#
# COMPACT_ATOMS: atom_id res chain seq x y z
N GLU A 1 31.96 -15.23 -32.96
CA GLU A 1 31.78 -13.86 -32.47
C GLU A 1 30.29 -13.47 -32.40
N VAL A 2 29.98 -12.43 -31.62
CA VAL A 2 28.61 -11.93 -31.49
C VAL A 2 28.61 -10.45 -31.08
N ARG A 3 27.95 -9.61 -31.89
CA ARG A 3 27.89 -8.17 -31.63
C ARG A 3 26.98 -7.91 -30.44
N THR A 4 27.58 -7.71 -29.27
CA THR A 4 26.86 -7.51 -28.03
C THR A 4 26.99 -6.07 -27.56
N ILE A 5 26.25 -5.75 -26.50
CA ILE A 5 26.22 -4.42 -25.91
C ILE A 5 26.05 -4.57 -24.40
N LYS A 6 26.80 -3.76 -23.65
CA LYS A 6 26.69 -3.76 -22.20
C LYS A 6 25.69 -2.70 -21.75
N VAL A 7 24.83 -3.08 -20.80
CA VAL A 7 23.83 -2.20 -20.24
C VAL A 7 23.83 -2.38 -18.72
N PHE A 8 22.98 -1.61 -18.05
CA PHE A 8 22.82 -1.67 -16.60
C PHE A 8 21.42 -2.18 -16.27
N THR A 9 21.32 -2.98 -15.22
CA THR A 9 20.05 -3.43 -14.70
C THR A 9 19.94 -3.02 -13.23
N THR A 10 18.72 -2.68 -12.81
CA THR A 10 18.49 -2.26 -11.44
C THR A 10 17.05 -2.54 -11.05
N VAL A 11 16.79 -2.43 -9.75
CA VAL A 11 15.43 -2.49 -9.22
C VAL A 11 15.04 -1.22 -8.49
N ASP A 12 15.98 -0.34 -8.15
CA ASP A 12 15.69 0.90 -7.46
C ASP A 12 16.28 2.12 -8.16
N ASN A 13 17.01 1.92 -9.25
CA ASN A 13 17.67 3.00 -9.97
C ASN A 13 18.69 3.71 -9.09
N ILE A 14 19.24 3.00 -8.11
CA ILE A 14 20.31 3.51 -7.26
C ILE A 14 21.54 2.61 -7.33
N ASN A 15 21.35 1.30 -7.23
CA ASN A 15 22.42 0.32 -7.37
C ASN A 15 22.29 -0.30 -8.76
N LEU A 16 23.26 -0.03 -9.62
CA LEU A 16 23.25 -0.49 -11.01
C LEU A 16 24.22 -1.65 -11.18
N HIS A 17 23.84 -2.62 -12.02
CA HIS A 17 24.63 -3.83 -12.24
C HIS A 17 24.84 -4.04 -13.73
N THR A 18 26.09 -4.22 -14.14
CA THR A 18 26.41 -4.34 -15.56
C THR A 18 26.06 -5.72 -16.08
N GLN A 19 25.37 -5.77 -17.21
CA GLN A 19 24.98 -7.01 -17.85
C GLN A 19 25.19 -6.88 -19.36
N VAL A 20 25.03 -8.01 -20.05
CA VAL A 20 25.32 -8.12 -21.47
C VAL A 20 24.06 -8.54 -22.22
N VAL A 21 23.83 -7.90 -23.37
CA VAL A 21 22.79 -8.30 -24.30
C VAL A 21 23.45 -8.60 -25.65
N ASP A 22 22.93 -9.61 -26.37
CA ASP A 22 23.50 -10.03 -27.64
C ASP A 22 22.56 -9.70 -28.81
N MET A 23 21.96 -8.50 -28.77
CA MET A 23 21.03 -8.04 -29.82
C MET A 23 19.87 -9.03 -30.00
N SER A 24 19.34 -9.52 -28.88
CA SER A 24 18.22 -10.44 -28.88
C SER A 24 17.14 -9.89 -27.97
N MET A 25 15.90 -9.94 -28.43
CA MET A 25 14.76 -9.45 -27.67
C MET A 25 14.10 -10.54 -26.84
N THR A 26 14.71 -11.73 -26.75
CA THR A 26 14.13 -12.84 -25.98
C THR A 26 14.60 -12.74 -24.53
N TYR A 27 14.10 -11.70 -23.85
CA TYR A 27 14.51 -11.43 -22.49
C TYR A 27 13.98 -12.46 -21.51
N GLY A 28 13.03 -13.30 -21.92
CA GLY A 28 12.43 -14.25 -21.01
C GLY A 28 13.33 -15.40 -20.63
N GLN A 29 14.40 -15.64 -21.40
CA GLN A 29 15.29 -16.75 -21.11
C GLN A 29 16.08 -16.52 -19.83
N GLN A 30 16.91 -15.48 -19.82
CA GLN A 30 17.78 -15.15 -18.67
C GLN A 30 17.51 -13.76 -18.10
N PHE A 31 17.16 -12.80 -18.95
CA PHE A 31 17.02 -11.41 -18.51
C PHE A 31 15.73 -11.21 -17.72
N GLY A 32 14.60 -11.58 -18.32
CA GLY A 32 13.31 -11.38 -17.69
C GLY A 32 12.64 -10.12 -18.19
N PRO A 33 11.39 -9.91 -17.79
CA PRO A 33 10.67 -8.71 -18.20
C PRO A 33 11.44 -7.44 -17.84
N THR A 34 11.61 -6.58 -18.83
CA THR A 34 12.46 -5.39 -18.71
C THR A 34 11.66 -4.18 -19.15
N TYR A 35 11.92 -3.05 -18.51
CA TYR A 35 11.17 -1.81 -18.77
C TYR A 35 12.17 -0.66 -18.86
N LEU A 36 12.35 -0.13 -20.06
CA LEU A 36 13.24 1.01 -20.25
C LEU A 36 12.48 2.29 -19.93
N ASP A 37 12.91 3.00 -18.90
CA ASP A 37 12.29 4.27 -18.50
C ASP A 37 10.79 4.13 -18.27
N GLY A 38 10.37 2.96 -17.78
CA GLY A 38 8.97 2.73 -17.46
C GLY A 38 8.16 2.03 -18.54
N ALA A 39 8.63 1.97 -19.77
CA ALA A 39 7.89 1.38 -20.88
C ALA A 39 8.47 0.01 -21.19
N ASP A 40 7.62 -1.01 -21.11
CA ASP A 40 8.08 -2.39 -21.26
C ASP A 40 8.75 -2.56 -22.62
N VAL A 41 9.90 -3.22 -22.61
CA VAL A 41 10.66 -3.52 -23.82
C VAL A 41 11.17 -4.96 -23.75
N THR A 42 10.31 -5.88 -23.28
CA THR A 42 10.71 -7.28 -23.16
C THR A 42 10.79 -7.97 -24.52
N LYS A 43 10.26 -7.34 -25.57
CA LYS A 43 10.27 -7.89 -26.91
C LYS A 43 10.77 -6.86 -27.90
N ILE A 44 11.72 -6.03 -27.46
CA ILE A 44 12.33 -5.01 -28.30
C ILE A 44 13.81 -5.33 -28.45
N LYS A 45 14.27 -5.39 -29.69
CA LYS A 45 15.68 -5.64 -29.96
C LYS A 45 16.52 -4.47 -29.47
N PRO A 46 17.70 -4.72 -28.91
CA PRO A 46 18.52 -3.62 -28.38
C PRO A 46 18.95 -2.65 -29.47
N HIS A 47 18.58 -1.37 -29.29
CA HIS A 47 18.96 -0.31 -30.21
C HIS A 47 20.47 -0.06 -30.17
N ASN A 48 20.95 0.67 -31.17
CA ASN A 48 22.34 1.11 -31.15
C ASN A 48 22.58 2.16 -30.08
N SER A 49 21.54 2.90 -29.71
CA SER A 49 21.62 3.91 -28.64
C SER A 49 21.45 3.31 -27.25
N HIS A 50 21.30 2.00 -27.13
CA HIS A 50 21.15 1.33 -25.84
C HIS A 50 22.52 1.05 -25.22
N GLU A 51 23.30 2.11 -25.05
CA GLU A 51 24.63 2.02 -24.48
C GLU A 51 24.64 2.84 -23.19
N GLY A 52 25.15 2.24 -22.12
CA GLY A 52 25.11 2.89 -20.82
C GLY A 52 23.71 3.26 -20.37
N LYS A 53 22.70 2.51 -20.80
CA LYS A 53 21.31 2.76 -20.45
C LYS A 53 20.90 1.90 -19.26
N THR A 54 19.94 2.40 -18.49
CA THR A 54 19.49 1.74 -17.27
C THR A 54 18.16 1.03 -17.51
N PHE A 55 18.10 -0.24 -17.13
CA PHE A 55 16.94 -1.09 -17.31
C PHE A 55 16.39 -1.51 -15.96
N TYR A 56 15.09 -1.81 -15.93
CA TYR A 56 14.40 -2.26 -14.73
C TYR A 56 14.04 -3.73 -14.90
N VAL A 57 14.52 -4.57 -13.99
CA VAL A 57 14.17 -5.99 -13.98
C VAL A 57 13.57 -6.32 -12.63
N LEU A 58 12.92 -7.47 -12.58
CA LEU A 58 12.33 -7.93 -11.33
C LEU A 58 13.36 -8.68 -10.49
N PRO A 59 13.18 -8.70 -9.16
CA PRO A 59 14.16 -9.39 -8.30
C PRO A 59 14.27 -10.89 -8.56
N ASN A 60 15.28 -11.25 -9.37
CA ASN A 60 15.67 -12.63 -9.59
C ASN A 60 16.80 -13.06 -8.65
N ASP A 61 17.33 -12.12 -7.87
CA ASP A 61 18.51 -12.27 -7.04
C ASP A 61 18.12 -12.08 -5.59
N ASP A 62 18.98 -12.50 -4.67
CA ASP A 62 18.82 -12.06 -3.29
C ASP A 62 19.33 -10.64 -3.11
N THR A 63 20.33 -10.23 -3.89
CA THR A 63 20.76 -8.83 -3.86
C THR A 63 19.66 -7.90 -4.33
N LEU A 64 18.96 -8.27 -5.42
CA LEU A 64 17.90 -7.42 -5.91
C LEU A 64 16.69 -7.45 -4.98
N ARG A 65 16.40 -8.60 -4.38
CA ARG A 65 15.30 -8.63 -3.41
C ARG A 65 15.65 -7.78 -2.19
N VAL A 66 16.92 -7.76 -1.78
CA VAL A 66 17.32 -6.93 -0.65
C VAL A 66 17.21 -5.45 -1.01
N GLU A 67 17.68 -5.08 -2.21
CA GLU A 67 17.58 -3.69 -2.64
C GLU A 67 16.12 -3.26 -2.79
N ALA A 68 15.27 -4.17 -3.26
CA ALA A 68 13.84 -3.87 -3.37
C ALA A 68 13.21 -3.71 -2.01
N PHE A 69 13.63 -4.49 -1.03
CA PHE A 69 13.11 -4.29 0.32
C PHE A 69 13.60 -2.97 0.89
N GLU A 70 14.83 -2.60 0.61
CA GLU A 70 15.38 -1.38 1.17
C GLU A 70 14.73 -0.15 0.55
N TYR A 71 14.35 -0.23 -0.72
CA TYR A 71 13.79 0.94 -1.37
C TYR A 71 12.26 1.00 -1.30
N TYR A 72 11.57 -0.14 -1.39
CA TYR A 72 10.11 -0.18 -1.39
C TYR A 72 9.51 -0.65 -0.08
N HIS A 73 10.30 -1.25 0.81
CA HIS A 73 9.81 -1.81 2.07
C HIS A 73 8.71 -2.83 1.80
N THR A 74 9.01 -3.80 0.94
CA THR A 74 8.05 -4.82 0.57
C THR A 74 8.73 -6.17 0.56
N THR A 75 7.92 -7.21 0.73
CA THR A 75 8.38 -8.60 0.72
C THR A 75 7.62 -9.41 -0.31
N ASP A 76 7.17 -8.76 -1.39
CA ASP A 76 6.43 -9.43 -2.45
C ASP A 76 7.26 -9.41 -3.72
N PRO A 77 7.55 -10.57 -4.32
CA PRO A 77 8.38 -10.59 -5.53
C PRO A 77 7.66 -10.00 -6.74
N SER A 78 6.34 -10.10 -6.80
CA SER A 78 5.56 -9.53 -7.90
C SER A 78 5.28 -8.06 -7.73
N PHE A 79 5.75 -7.44 -6.64
CA PHE A 79 5.47 -6.03 -6.41
C PHE A 79 6.06 -5.17 -7.51
N LEU A 80 7.31 -5.43 -7.88
CA LEU A 80 7.93 -4.66 -8.95
C LEU A 80 7.18 -4.86 -10.26
N GLY A 81 6.76 -6.10 -10.53
CA GLY A 81 5.99 -6.35 -11.74
C GLY A 81 4.70 -5.56 -11.78
N ARG A 82 3.95 -5.57 -10.68
CA ARG A 82 2.72 -4.78 -10.59
C ARG A 82 3.02 -3.30 -10.78
N TYR A 83 4.08 -2.82 -10.14
CA TYR A 83 4.44 -1.41 -10.22
C TYR A 83 4.80 -1.02 -11.64
N MET A 84 5.56 -1.86 -12.34
CA MET A 84 5.96 -1.57 -13.71
C MET A 84 4.79 -1.73 -14.69
N SER A 85 3.88 -2.66 -14.43
CA SER A 85 2.69 -2.78 -15.26
C SER A 85 1.81 -1.54 -15.13
N ALA A 86 1.71 -0.99 -13.91
CA ALA A 86 0.99 0.26 -13.74
C ALA A 86 1.74 1.42 -14.40
N LEU A 87 3.07 1.42 -14.28
CA LEU A 87 3.87 2.53 -14.80
C LEU A 87 3.84 2.59 -16.32
N ASN A 88 3.75 1.44 -16.99
CA ASN A 88 3.69 1.44 -18.44
C ASN A 88 2.48 2.19 -18.96
N HIS A 89 1.44 2.31 -18.16
CA HIS A 89 0.27 3.13 -18.50
C HIS A 89 0.34 4.53 -17.93
N THR A 90 0.78 4.69 -16.68
CA THR A 90 0.81 6.02 -16.09
C THR A 90 1.88 6.90 -16.71
N LYS A 91 2.84 6.32 -17.44
CA LYS A 91 3.83 7.14 -18.12
C LYS A 91 3.20 8.00 -19.21
N LYS A 92 2.14 7.51 -19.83
CA LYS A 92 1.44 8.22 -20.90
C LYS A 92 0.35 9.14 -20.40
N TRP A 93 0.00 9.07 -19.11
CA TRP A 93 -0.96 9.98 -18.52
C TRP A 93 -0.42 11.41 -18.52
N LYS A 94 -1.34 12.37 -18.38
CA LYS A 94 -1.02 13.78 -18.26
C LYS A 94 -1.29 14.25 -16.84
N TYR A 95 -0.46 15.16 -16.34
CA TYR A 95 -0.51 15.62 -14.95
C TYR A 95 -0.52 17.13 -14.90
N PRO A 96 -1.67 17.75 -15.16
CA PRO A 96 -1.75 19.21 -15.15
C PRO A 96 -1.68 19.75 -13.73
N GLN A 97 -0.88 20.81 -13.56
CA GLN A 97 -0.80 21.51 -12.29
C GLN A 97 -1.87 22.60 -12.26
N VAL A 98 -2.69 22.58 -11.22
CA VAL A 98 -3.81 23.50 -11.08
C VAL A 98 -3.57 24.32 -9.82
N ASN A 99 -3.08 25.55 -9.99
CA ASN A 99 -2.88 26.49 -8.89
C ASN A 99 -1.96 25.92 -7.82
N GLY A 100 -0.96 25.16 -8.23
CA GLY A 100 0.02 24.58 -7.34
C GLY A 100 -0.18 23.12 -7.03
N LEU A 101 -1.37 22.59 -7.27
CA LEU A 101 -1.69 21.19 -7.07
C LEU A 101 -1.64 20.42 -8.38
N THR A 102 -1.26 19.15 -8.30
CA THR A 102 -1.10 18.29 -9.46
C THR A 102 -2.20 17.24 -9.50
N SER A 103 -2.99 17.24 -10.56
CA SER A 103 -4.06 16.27 -10.76
C SER A 103 -3.70 15.39 -11.96
N ILE A 104 -4.71 14.65 -12.46
CA ILE A 104 -4.54 13.78 -13.62
C ILE A 104 -5.70 14.02 -14.58
N LYS A 105 -5.39 14.22 -15.85
CA LYS A 105 -6.42 14.12 -16.87
C LYS A 105 -6.97 12.70 -16.89
N TRP A 106 -8.28 12.58 -16.79
CA TRP A 106 -8.89 11.28 -16.57
C TRP A 106 -8.62 10.32 -17.73
N ALA A 107 -8.17 9.12 -17.39
CA ALA A 107 -7.89 8.05 -18.33
C ALA A 107 -7.74 6.75 -17.57
N ASP A 108 -8.38 5.68 -18.04
CA ASP A 108 -8.28 4.35 -17.44
C ASP A 108 -8.75 4.35 -15.98
N ASN A 109 -9.82 5.11 -15.70
CA ASN A 109 -10.50 5.10 -14.40
C ASN A 109 -9.63 5.64 -13.28
N ASN A 110 -8.76 6.61 -13.58
CA ASN A 110 -7.87 7.19 -12.59
C ASN A 110 -8.55 8.25 -11.71
N SER A 111 -9.86 8.15 -11.54
CA SER A 111 -10.59 9.15 -10.77
C SER A 111 -10.20 9.11 -9.29
N TYR A 112 -10.34 7.93 -8.67
CA TYR A 112 -9.94 7.79 -7.28
C TYR A 112 -8.44 8.04 -7.10
N LEU A 113 -7.63 7.61 -8.06
CA LEU A 113 -6.20 7.89 -7.98
C LEU A 113 -5.95 9.40 -7.94
N ALA A 114 -6.58 10.14 -8.85
CA ALA A 114 -6.38 11.59 -8.89
C ALA A 114 -6.87 12.24 -7.60
N THR A 115 -7.95 11.74 -7.02
CA THR A 115 -8.44 12.29 -5.77
C THR A 115 -7.47 12.04 -4.62
N ALA A 116 -6.92 10.82 -4.55
CA ALA A 116 -5.96 10.52 -3.50
C ALA A 116 -4.69 11.32 -3.67
N LEU A 117 -4.24 11.52 -4.91
CA LEU A 117 -3.06 12.33 -5.17
C LEU A 117 -3.28 13.78 -4.74
N LEU A 118 -4.41 14.36 -5.15
CA LEU A 118 -4.73 15.72 -4.74
C LEU A 118 -4.87 15.84 -3.23
N THR A 119 -5.31 14.78 -2.56
CA THR A 119 -5.42 14.82 -1.11
C THR A 119 -4.05 14.78 -0.46
N LEU A 120 -3.19 13.86 -0.89
CA LEU A 120 -1.87 13.72 -0.29
C LEU A 120 -1.01 14.97 -0.47
N GLN A 121 -1.30 15.78 -1.49
CA GLN A 121 -0.59 17.04 -1.69
C GLN A 121 -1.03 18.13 -0.72
N GLN A 122 -2.06 17.89 0.09
CA GLN A 122 -2.58 18.91 0.99
C GLN A 122 -2.62 18.46 2.45
N ILE A 123 -2.04 17.31 2.77
CA ILE A 123 -1.96 16.85 4.14
C ILE A 123 -0.51 16.58 4.48
N GLU A 124 -0.13 16.92 5.70
CA GLU A 124 1.24 16.71 6.18
C GLU A 124 1.42 15.22 6.51
N LEU A 125 2.28 14.55 5.75
CA LEU A 125 2.51 13.13 5.94
C LEU A 125 3.87 12.76 5.40
N LYS A 126 4.62 11.98 6.19
CA LYS A 126 5.95 11.52 5.82
C LYS A 126 5.91 10.01 5.65
N PHE A 127 6.33 9.53 4.48
CA PHE A 127 6.32 8.12 4.16
C PHE A 127 7.59 7.44 4.64
N ASN A 128 7.48 6.13 4.89
CA ASN A 128 8.61 5.37 5.40
C ASN A 128 9.43 4.74 4.26
N PRO A 129 8.82 4.16 3.23
CA PRO A 129 9.63 3.62 2.13
C PRO A 129 10.20 4.73 1.27
N PRO A 130 11.50 4.70 1.00
CA PRO A 130 12.10 5.80 0.22
C PRO A 130 11.50 5.94 -1.16
N ALA A 131 10.97 4.85 -1.73
CA ALA A 131 10.31 4.92 -3.02
C ALA A 131 9.13 5.88 -2.98
N LEU A 132 8.28 5.74 -1.95
CA LEU A 132 7.12 6.63 -1.84
C LEU A 132 7.53 8.07 -1.61
N GLN A 133 8.55 8.29 -0.76
CA GLN A 133 9.01 9.65 -0.50
CA GLN A 133 8.98 9.65 -0.50
C GLN A 133 9.50 10.32 -1.78
N ASP A 134 10.37 9.62 -2.54
CA ASP A 134 10.92 10.21 -3.76
C ASP A 134 9.84 10.39 -4.82
N ALA A 135 8.93 9.43 -4.94
CA ALA A 135 7.83 9.57 -5.88
C ALA A 135 6.94 10.75 -5.50
N TYR A 136 6.71 10.96 -4.21
CA TYR A 136 5.89 12.08 -3.79
C TYR A 136 6.57 13.41 -4.10
N TYR A 137 7.88 13.49 -3.84
CA TYR A 137 8.61 14.69 -4.21
C TYR A 137 8.48 14.97 -5.69
N ARG A 138 8.73 13.95 -6.51
CA ARG A 138 8.63 14.13 -7.96
C ARG A 138 7.21 14.47 -8.39
N ALA A 139 6.21 14.02 -7.64
CA ALA A 139 4.82 14.33 -7.98
C ALA A 139 4.52 15.80 -7.68
N ARG A 140 4.86 16.25 -6.47
CA ARG A 140 4.76 17.65 -6.12
C ARG A 140 5.62 18.53 -7.01
N ALA A 141 6.56 17.94 -7.75
CA ALA A 141 7.29 18.67 -8.79
C ALA A 141 6.57 18.70 -10.13
N GLY A 142 5.57 17.84 -10.34
CA GLY A 142 4.80 17.82 -11.56
C GLY A 142 4.80 16.51 -12.32
N GLU A 143 5.72 15.59 -12.05
CA GLU A 143 5.72 14.26 -12.65
C GLU A 143 5.25 13.26 -11.60
N ALA A 144 4.07 12.67 -11.82
CA ALA A 144 3.39 11.87 -10.83
C ALA A 144 3.13 10.45 -11.31
N ALA A 145 3.75 10.05 -12.41
CA ALA A 145 3.52 8.70 -12.92
C ALA A 145 4.03 7.65 -11.94
N ASN A 146 5.26 7.83 -11.45
CA ASN A 146 5.83 6.85 -10.53
C ASN A 146 5.00 6.76 -9.25
N PHE A 147 4.49 7.90 -8.77
CA PHE A 147 3.74 7.88 -7.52
C PHE A 147 2.43 7.13 -7.69
N CYS A 148 1.73 7.36 -8.79
CA CYS A 148 0.45 6.72 -9.03
C CYS A 148 0.62 5.23 -9.28
N ALA A 149 1.66 4.86 -10.04
CA ALA A 149 1.94 3.44 -10.22
C ALA A 149 2.31 2.77 -8.90
N LEU A 150 3.09 3.44 -8.05
CA LEU A 150 3.39 2.88 -6.74
C LEU A 150 2.13 2.70 -5.92
N ILE A 151 1.22 3.66 -5.98
CA ILE A 151 -0.03 3.55 -5.24
C ILE A 151 -0.81 2.33 -5.73
N LEU A 152 -0.88 2.15 -7.04
CA LEU A 152 -1.55 0.98 -7.58
C LEU A 152 -0.87 -0.30 -7.12
N ALA A 153 0.46 -0.30 -7.07
CA ALA A 153 1.18 -1.51 -6.67
C ALA A 153 0.95 -1.83 -5.20
N TYR A 154 0.95 -0.81 -4.34
CA TYR A 154 0.78 -1.03 -2.91
C TYR A 154 -0.65 -1.44 -2.55
N CYS A 155 -1.61 -1.19 -3.43
CA CYS A 155 -3.00 -1.54 -3.18
C CYS A 155 -3.41 -2.80 -3.93
N ASN A 156 -2.48 -3.46 -4.60
CA ASN A 156 -2.74 -4.67 -5.40
C ASN A 156 -3.76 -4.42 -6.52
N LYS A 157 -3.99 -3.16 -6.88
CA LYS A 157 -4.93 -2.83 -7.94
C LYS A 157 -4.21 -2.74 -9.28
N THR A 158 -5.00 -2.78 -10.35
CA THR A 158 -4.47 -2.73 -11.71
C THR A 158 -5.11 -1.57 -12.45
N VAL A 159 -4.40 -1.10 -13.48
CA VAL A 159 -4.89 0.00 -14.29
C VAL A 159 -6.22 -0.39 -14.91
N GLY A 160 -7.27 0.35 -14.55
CA GLY A 160 -8.60 0.13 -15.07
C GLY A 160 -9.61 -0.28 -14.03
N GLU A 161 -9.16 -0.84 -12.92
CA GLU A 161 -10.06 -1.28 -11.87
C GLU A 161 -10.75 -0.08 -11.21
N LEU A 162 -11.96 -0.32 -10.71
CA LEU A 162 -12.60 0.66 -9.86
C LEU A 162 -11.89 0.72 -8.51
N GLY A 163 -12.15 1.79 -7.78
CA GLY A 163 -11.47 1.98 -6.51
C GLY A 163 -12.23 2.92 -5.60
N ASP A 164 -12.04 2.71 -4.31
CA ASP A 164 -12.58 3.55 -3.25
C ASP A 164 -11.45 4.35 -2.63
N VAL A 165 -11.66 5.65 -2.47
CA VAL A 165 -10.58 6.53 -1.99
C VAL A 165 -10.20 6.17 -0.56
N ARG A 166 -11.19 5.82 0.28
CA ARG A 166 -10.89 5.58 1.69
C ARG A 166 -10.01 4.35 1.87
N GLU A 167 -10.26 3.28 1.10
CA GLU A 167 -9.41 2.11 1.24
C GLU A 167 -8.01 2.36 0.70
N THR A 168 -7.90 3.21 -0.33
CA THR A 168 -6.58 3.57 -0.84
C THR A 168 -5.78 4.32 0.21
N MET A 169 -6.43 5.28 0.88
CA MET A 169 -5.77 6.01 1.95
C MET A 169 -5.41 5.07 3.08
N SER A 170 -6.26 4.09 3.38
CA SER A 170 -5.97 3.16 4.46
C SER A 170 -4.77 2.29 4.12
N TYR A 171 -4.64 1.90 2.85
CA TYR A 171 -3.44 1.17 2.41
C TYR A 171 -2.20 2.06 2.50
N LEU A 172 -2.32 3.32 2.09
CA LEU A 172 -1.18 4.23 2.13
C LEU A 172 -0.73 4.51 3.56
N PHE A 173 -1.68 4.60 4.50
CA PHE A 173 -1.35 4.95 5.87
C PHE A 173 -0.57 3.85 6.59
N GLN A 174 -0.59 2.62 6.06
CA GLN A 174 0.25 1.58 6.64
C GLN A 174 1.72 1.84 6.38
N HIS A 175 2.04 2.48 5.25
CA HIS A 175 3.41 2.84 4.91
C HIS A 175 3.78 4.25 5.37
N ALA A 176 3.02 4.82 6.29
CA ALA A 176 3.28 6.17 6.78
C ALA A 176 3.52 6.13 8.27
N ASN A 177 4.22 7.16 8.76
CA ASN A 177 4.56 7.24 10.18
C ASN A 177 3.40 7.93 10.88
N LEU A 178 2.51 7.12 11.44
CA LEU A 178 1.35 7.62 12.16
C LEU A 178 1.29 7.09 13.59
N ASP A 179 2.38 6.48 14.07
CA ASP A 179 2.39 5.97 15.44
C ASP A 179 2.29 7.10 16.47
N SER A 180 2.67 8.32 16.11
CA SER A 180 2.58 9.45 17.03
C SER A 180 1.14 9.87 17.31
N CYS A 181 0.19 9.45 16.48
CA CYS A 181 -1.21 9.89 16.62
C CYS A 181 -1.93 9.09 17.70
N LYS A 182 -2.80 9.77 18.44
CA LYS A 182 -3.55 9.15 19.53
C LYS A 182 -4.94 9.73 19.58
N ARG A 183 -5.90 8.91 20.00
CA ARG A 183 -7.29 9.31 20.07
C ARG A 183 -8.04 8.39 21.04
N VAL A 184 -8.92 9.00 21.84
CA VAL A 184 -9.84 8.27 22.70
C VAL A 184 -11.25 8.78 22.47
N GLN A 196 -13.85 5.75 26.92
CA GLN A 196 -12.44 6.04 27.11
C GLN A 196 -11.56 5.00 26.44
N THR A 197 -11.94 4.58 25.23
CA THR A 197 -11.20 3.57 24.49
C THR A 197 -9.97 4.20 23.85
N THR A 198 -8.79 3.72 24.22
CA THR A 198 -7.54 4.28 23.72
C THR A 198 -7.23 3.78 22.32
N LEU A 199 -6.91 4.70 21.41
CA LEU A 199 -6.53 4.37 20.05
C LEU A 199 -5.22 5.06 19.69
N LYS A 200 -4.50 4.47 18.74
CA LYS A 200 -3.22 5.02 18.32
C LYS A 200 -2.87 4.47 16.94
N GLY A 201 -2.36 5.34 16.07
CA GLY A 201 -1.97 4.93 14.74
C GLY A 201 -3.01 5.27 13.68
N VAL A 202 -3.11 4.40 12.67
CA VAL A 202 -4.03 4.64 11.57
C VAL A 202 -5.47 4.75 12.05
N GLU A 203 -5.85 3.94 13.03
CA GLU A 203 -7.20 4.00 13.58
C GLU A 203 -7.50 5.32 14.27
N ALA A 204 -6.49 6.15 14.51
CA ALA A 204 -6.65 7.41 15.24
C ALA A 204 -6.86 8.61 14.33
N VAL A 205 -6.97 8.40 13.02
CA VAL A 205 -7.10 9.52 12.08
C VAL A 205 -8.28 9.32 11.14
N MET A 206 -9.07 8.26 11.35
CA MET A 206 -10.16 7.92 10.44
C MET A 206 -11.46 7.70 11.20
N TYR A 207 -12.57 7.75 10.46
CA TYR A 207 -13.90 7.51 11.01
C TYR A 207 -14.84 7.33 9.83
N MET A 208 -15.26 6.10 9.59
CA MET A 208 -16.33 5.82 8.65
C MET A 208 -17.66 6.21 9.30
N GLY A 209 -18.06 7.47 9.17
CA GLY A 209 -19.27 7.97 9.79
C GLY A 209 -19.55 9.44 9.51
N THR A 210 -19.68 10.26 10.55
CA THR A 210 -20.06 11.65 10.38
C THR A 210 -19.00 12.40 9.57
N LEU A 211 -19.44 13.04 8.48
CA LEU A 211 -18.52 13.83 7.66
C LEU A 211 -17.99 15.03 8.44
N SER A 212 -18.85 15.67 9.22
CA SER A 212 -18.43 16.84 9.98
C SER A 212 -17.52 16.43 11.12
N TYR A 213 -16.35 17.06 11.17
CA TYR A 213 -15.51 17.00 12.38
C TYR A 213 -16.27 17.61 13.55
N GLU A 214 -16.79 18.81 13.37
CA GLU A 214 -17.55 19.52 14.39
C GLU A 214 -18.75 18.72 14.90
N GLN A 215 -19.10 17.61 14.27
CA GLN A 215 -20.24 16.80 14.67
C GLN A 215 -19.90 15.78 15.74
N PHE A 216 -18.72 15.89 16.37
CA PHE A 216 -18.40 14.99 17.48
C PHE A 216 -19.20 15.32 18.73
N LYS A 217 -20.53 15.22 18.63
CA LYS A 217 -21.39 15.19 19.80
C LYS A 217 -21.91 13.80 20.12
N LYS A 218 -21.78 12.84 19.20
CA LYS A 218 -22.19 11.47 19.43
C LYS A 218 -21.06 10.64 20.04
N LEU A 234 -15.43 11.77 21.54
CA LEU A 234 -14.08 12.07 21.08
C LEU A 234 -13.40 13.04 22.03
N VAL A 235 -12.79 12.52 23.08
CA VAL A 235 -12.40 13.43 24.15
C VAL A 235 -11.08 14.13 23.83
N GLN A 236 -10.20 13.52 23.04
CA GLN A 236 -8.97 14.20 22.66
C GLN A 236 -8.43 13.64 21.35
N GLN A 237 -7.71 14.51 20.63
CA GLN A 237 -7.00 14.15 19.41
C GLN A 237 -5.55 14.60 19.50
N GLU A 238 -4.65 13.77 18.97
CA GLU A 238 -3.22 14.05 19.00
C GLU A 238 -2.61 13.63 17.66
N SER A 239 -2.97 14.33 16.60
CA SER A 239 -2.59 13.98 15.24
C SER A 239 -2.26 15.25 14.47
N PRO A 240 -1.50 15.14 13.37
CA PRO A 240 -1.24 16.31 12.54
C PRO A 240 -2.34 16.62 11.52
N PHE A 241 -3.35 15.76 11.42
CA PHE A 241 -4.45 15.87 10.47
C PHE A 241 -5.45 14.80 10.80
N VAL A 242 -6.73 15.03 10.47
CA VAL A 242 -7.74 14.00 10.65
C VAL A 242 -8.61 13.91 9.40
N MET A 243 -9.29 12.77 9.27
CA MET A 243 -10.20 12.53 8.16
C MET A 243 -11.48 11.89 8.69
N MET A 244 -12.58 12.22 8.04
CA MET A 244 -13.88 11.63 8.32
C MET A 244 -14.49 11.17 7.00
N SER A 245 -15.36 10.17 7.06
CA SER A 245 -15.93 9.61 5.85
C SER A 245 -17.33 9.05 6.11
N ALA A 246 -18.20 9.26 5.13
CA ALA A 246 -19.58 8.80 5.14
C ALA A 246 -19.93 8.27 3.75
N PRO A 247 -21.01 7.49 3.66
CA PRO A 247 -21.50 7.13 2.34
C PRO A 247 -22.01 8.37 1.61
N PRO A 248 -21.95 8.36 0.28
CA PRO A 248 -22.18 9.61 -0.48
C PRO A 248 -23.47 10.32 -0.10
N ALA A 249 -23.32 11.47 0.55
CA ALA A 249 -24.45 12.25 1.04
C ALA A 249 -24.38 13.67 0.47
N GLN A 250 -25.53 14.19 0.04
CA GLN A 250 -25.62 15.61 -0.26
C GLN A 250 -25.24 16.41 0.97
N TYR A 251 -24.16 17.18 0.84
CA TYR A 251 -23.53 17.86 1.95
C TYR A 251 -23.10 19.24 1.51
N GLU A 252 -23.25 20.22 2.39
CA GLU A 252 -22.81 21.58 2.12
C GLU A 252 -21.49 21.82 2.83
N LEU A 253 -20.48 22.21 2.07
CA LEU A 253 -19.14 22.46 2.58
C LEU A 253 -18.96 23.96 2.80
N LYS A 254 -18.65 24.33 4.02
CA LYS A 254 -18.42 25.74 4.37
C LYS A 254 -16.96 26.07 4.15
N HIS A 255 -16.71 27.18 3.46
CA HIS A 255 -15.34 27.63 3.24
C HIS A 255 -14.61 27.87 4.55
N GLY A 256 -13.33 27.53 4.57
CA GLY A 256 -12.50 27.80 5.73
C GLY A 256 -12.65 26.83 6.87
N THR A 257 -13.57 25.87 6.78
CA THR A 257 -13.80 24.92 7.86
C THR A 257 -12.94 23.67 7.74
N PHE A 258 -12.44 23.36 6.55
CA PHE A 258 -11.75 22.11 6.30
C PHE A 258 -10.54 22.36 5.42
N THR A 259 -9.72 21.32 5.26
CA THR A 259 -8.62 21.35 4.29
C THR A 259 -9.11 20.96 2.89
N CYS A 260 -9.52 19.71 2.73
CA CYS A 260 -10.00 19.22 1.44
C CYS A 260 -10.97 18.08 1.69
N ALA A 261 -11.66 17.67 0.62
CA ALA A 261 -12.73 16.70 0.70
C ALA A 261 -12.88 16.04 -0.66
N SER A 262 -13.60 14.92 -0.68
CA SER A 262 -13.86 14.21 -1.93
C SER A 262 -15.36 13.98 -2.10
N GLU A 263 -15.79 14.11 -3.36
CA GLU A 263 -17.19 14.00 -3.73
C GLU A 263 -17.36 12.81 -4.66
N TYR A 264 -18.43 12.04 -4.48
CA TYR A 264 -18.67 10.83 -5.26
C TYR A 264 -20.00 10.98 -6.00
N THR A 265 -19.93 11.37 -7.27
CA THR A 265 -21.13 11.46 -8.08
C THR A 265 -21.47 10.07 -8.60
N GLY A 266 -22.68 9.59 -8.26
CA GLY A 266 -23.19 8.28 -8.61
C GLY A 266 -23.65 7.53 -7.37
N ASN A 267 -23.79 6.21 -7.53
CA ASN A 267 -24.15 5.30 -6.45
C ASN A 267 -22.92 4.49 -6.03
N TYR A 268 -23.14 3.43 -5.23
CA TYR A 268 -22.03 2.64 -4.73
C TYR A 268 -21.36 1.83 -5.83
N GLN A 269 -22.16 1.25 -6.73
CA GLN A 269 -21.62 0.29 -7.71
C GLN A 269 -20.75 0.98 -8.75
N CYS A 270 -21.15 2.17 -9.21
CA CYS A 270 -20.43 2.90 -10.26
C CYS A 270 -20.62 4.40 -10.06
N GLY A 271 -19.64 5.16 -10.52
CA GLY A 271 -19.71 6.61 -10.43
C GLY A 271 -18.37 7.25 -10.76
N HIS A 272 -18.07 8.34 -10.07
CA HIS A 272 -16.87 9.09 -10.36
C HIS A 272 -16.54 10.05 -9.21
N TYR A 273 -15.25 10.24 -8.94
CA TYR A 273 -14.78 11.04 -7.82
C TYR A 273 -14.27 12.40 -8.30
N LYS A 274 -14.67 13.46 -7.58
CA LYS A 274 -14.11 14.79 -7.73
C LYS A 274 -13.46 15.22 -6.42
N HIS A 275 -12.55 16.19 -6.51
CA HIS A 275 -11.84 16.68 -5.35
C HIS A 275 -12.27 18.11 -5.07
N ILE A 276 -12.42 18.45 -3.80
CA ILE A 276 -12.80 19.80 -3.38
C ILE A 276 -11.76 20.29 -2.39
N THR A 277 -11.26 21.51 -2.59
CA THR A 277 -10.31 22.12 -1.68
C THR A 277 -10.84 23.48 -1.26
N SER A 278 -10.49 23.89 -0.03
CA SER A 278 -10.97 25.14 0.55
C SER A 278 -9.88 26.21 0.62
N LYS A 279 -8.88 26.13 -0.24
CA LYS A 279 -7.81 27.12 -0.28
C LYS A 279 -8.36 28.42 -0.86
N GLU A 280 -8.69 29.38 0.03
CA GLU A 280 -9.19 30.71 -0.31
C GLU A 280 -10.63 30.70 -0.80
N THR A 281 -10.97 29.80 -1.72
CA THR A 281 -12.35 29.58 -2.12
C THR A 281 -12.53 28.10 -2.43
N LEU A 282 -13.79 27.69 -2.56
CA LEU A 282 -14.12 26.27 -2.71
C LEU A 282 -13.81 25.86 -4.14
N TYR A 283 -12.53 25.54 -4.37
CA TYR A 283 -12.13 25.04 -5.67
C TYR A 283 -12.51 23.57 -5.80
N CYS A 284 -12.81 23.17 -7.03
CA CYS A 284 -13.24 21.81 -7.31
C CYS A 284 -12.50 21.29 -8.52
N ILE A 285 -11.70 20.25 -8.32
CA ILE A 285 -10.89 19.64 -9.38
C ILE A 285 -11.55 18.36 -9.84
N ASP A 286 -11.80 18.26 -11.14
CA ASP A 286 -12.37 17.08 -11.79
C ASP A 286 -11.45 16.74 -12.95
N GLY A 287 -10.56 15.78 -12.76
CA GLY A 287 -9.59 15.46 -13.79
C GLY A 287 -8.70 16.64 -14.07
N ALA A 288 -8.86 17.27 -15.24
CA ALA A 288 -8.11 18.47 -15.60
C ALA A 288 -9.00 19.71 -15.64
N LEU A 289 -10.19 19.64 -15.04
CA LEU A 289 -11.16 20.72 -15.04
C LEU A 289 -11.25 21.35 -13.66
N LEU A 290 -11.42 22.67 -13.64
CA LEU A 290 -11.43 23.44 -12.40
C LEU A 290 -12.72 24.24 -12.31
N THR A 291 -13.35 24.19 -11.14
CA THR A 291 -14.60 24.90 -10.90
C THR A 291 -14.46 25.75 -9.65
N LYS A 292 -14.75 27.05 -9.76
CA LYS A 292 -14.62 27.97 -8.64
C LYS A 292 -16.01 28.23 -8.04
N SER A 293 -16.07 28.30 -6.72
CA SER A 293 -17.34 28.52 -6.04
C SER A 293 -17.09 29.07 -4.64
N SER A 294 -18.02 29.91 -4.18
CA SER A 294 -17.95 30.41 -2.81
C SER A 294 -18.45 29.37 -1.82
N GLU A 295 -19.51 28.65 -2.17
CA GLU A 295 -20.04 27.56 -1.37
C GLU A 295 -20.20 26.34 -2.26
N TYR A 296 -20.50 25.20 -1.64
CA TYR A 296 -20.61 23.94 -2.38
C TYR A 296 -21.59 23.01 -1.68
N LYS A 297 -22.38 22.30 -2.48
CA LYS A 297 -23.30 21.30 -1.95
C LYS A 297 -23.35 20.15 -2.95
N GLY A 298 -22.89 18.97 -2.54
CA GLY A 298 -22.87 17.82 -3.41
C GLY A 298 -22.65 16.51 -2.71
N PRO A 299 -22.50 15.41 -3.48
CA PRO A 299 -22.34 14.08 -2.86
C PRO A 299 -21.00 13.88 -2.17
N ILE A 300 -20.80 14.52 -1.02
CA ILE A 300 -19.54 14.41 -0.30
C ILE A 300 -19.46 13.02 0.36
N THR A 301 -18.23 12.51 0.48
CA THR A 301 -17.99 11.19 1.06
C THR A 301 -16.81 11.17 2.04
N ASP A 302 -15.78 11.99 1.80
CA ASP A 302 -14.62 12.13 2.69
C ASP A 302 -14.35 13.62 2.91
N VAL A 303 -13.99 13.98 4.15
CA VAL A 303 -13.61 15.35 4.49
C VAL A 303 -12.37 15.32 5.38
N PHE A 304 -11.35 16.08 4.99
CA PHE A 304 -10.09 16.15 5.71
C PHE A 304 -10.00 17.48 6.45
N TYR A 305 -9.34 17.45 7.61
CA TYR A 305 -9.28 18.61 8.47
C TYR A 305 -7.88 18.77 9.04
N LYS A 306 -7.44 20.03 9.12
CA LYS A 306 -6.22 20.40 9.81
C LYS A 306 -6.28 19.95 11.26
N GLU A 307 -5.11 19.67 11.84
CA GLU A 307 -5.03 19.32 13.25
C GLU A 307 -3.64 19.67 13.74
N ASN A 308 -3.57 20.62 14.68
CA ASN A 308 -2.28 20.93 15.30
C ASN A 308 -1.95 19.91 16.38
N SER A 309 -2.92 19.60 17.24
CA SER A 309 -2.72 18.63 18.30
C SER A 309 -4.07 18.02 18.70
N MET B 1 24.14 -2.40 7.35
CA MET B 1 23.36 -2.26 6.13
C MET B 1 22.67 -3.58 5.80
N ALA B 2 23.17 -4.27 4.78
CA ALA B 2 22.60 -5.53 4.32
C ALA B 2 23.65 -6.63 4.45
N TRP B 3 23.20 -7.82 4.87
CA TRP B 3 24.13 -8.91 5.13
C TRP B 3 23.34 -10.21 5.21
N ASP B 4 24.07 -11.33 5.21
CA ASP B 4 23.46 -12.63 5.35
C ASP B 4 23.31 -13.00 6.82
N LEU B 5 22.17 -13.57 7.16
CA LEU B 5 21.85 -14.03 8.52
C LEU B 5 21.59 -15.52 8.48
N LYS B 6 22.26 -16.26 9.36
CA LYS B 6 22.15 -17.72 9.41
C LYS B 6 20.97 -18.14 10.28
N VAL B 7 20.19 -19.09 9.78
CA VAL B 7 19.03 -19.62 10.48
C VAL B 7 19.23 -21.12 10.62
N LYS B 8 19.04 -21.63 11.83
CA LYS B 8 19.19 -23.04 12.13
C LYS B 8 17.92 -23.53 12.79
N MET B 9 17.52 -24.76 12.45
CA MET B 9 16.30 -25.33 13.02
C MET B 9 16.60 -26.59 13.81
N LEU B 10 17.52 -26.51 14.77
CA LEU B 10 17.85 -27.63 15.67
C LEU B 10 18.32 -28.87 14.90
N GLY B 11 19.16 -28.67 13.90
CA GLY B 11 19.67 -29.78 13.14
C GLY B 11 20.81 -29.36 12.24
N GLY B 12 21.12 -30.22 11.28
CA GLY B 12 22.21 -30.00 10.34
C GLY B 12 22.00 -28.90 9.34
N ASN B 13 20.89 -28.18 9.42
CA ASN B 13 20.61 -27.10 8.48
C ASN B 13 21.03 -25.78 9.10
N ASP B 14 21.77 -25.01 8.34
CA ASP B 14 22.19 -23.66 8.74
C ASP B 14 22.16 -22.86 7.44
N PHE B 15 20.97 -22.40 7.08
CA PHE B 15 20.77 -21.74 5.80
C PHE B 15 20.73 -20.23 5.99
N LEU B 16 21.33 -19.51 5.06
CA LEU B 16 21.45 -18.07 5.19
C LEU B 16 20.40 -17.37 4.35
N VAL B 17 19.83 -16.30 4.91
CA VAL B 17 18.89 -15.44 4.21
C VAL B 17 19.47 -14.03 4.20
N SER B 18 19.30 -13.33 3.09
CA SER B 18 19.88 -12.01 2.91
C SER B 18 18.92 -10.97 3.50
N VAL B 19 19.30 -10.37 4.63
CA VAL B 19 18.44 -9.41 5.33
C VAL B 19 19.12 -8.05 5.41
N THR B 20 18.40 -7.06 5.94
CA THR B 20 18.92 -5.71 6.11
C THR B 20 18.84 -5.31 7.58
N ASN B 21 19.53 -4.23 7.91
CA ASN B 21 19.48 -3.70 9.27
C ASN B 21 18.14 -3.04 9.57
N SER B 22 17.48 -2.47 8.57
CA SER B 22 16.20 -1.80 8.75
C SER B 22 15.03 -2.73 8.49
N MET B 23 15.19 -4.01 8.84
CA MET B 23 14.17 -5.02 8.61
C MET B 23 13.61 -5.51 9.93
N THR B 24 12.30 -5.71 9.97
CA THR B 24 11.65 -6.23 11.17
C THR B 24 11.65 -7.76 11.17
N VAL B 25 11.21 -8.31 12.29
CA VAL B 25 11.21 -9.76 12.42
C VAL B 25 10.09 -10.37 11.60
N SER B 26 8.98 -9.66 11.42
CA SER B 26 7.91 -10.17 10.57
C SER B 26 8.35 -10.29 9.12
N GLU B 27 9.06 -9.27 8.61
CA GLU B 27 9.59 -9.36 7.25
C GLU B 27 10.64 -10.46 7.15
N LEU B 28 11.41 -10.68 8.21
CA LEU B 28 12.35 -11.80 8.19
C LEU B 28 11.59 -13.10 8.06
N LYS B 29 10.51 -13.26 8.82
CA LYS B 29 9.72 -14.49 8.74
C LYS B 29 9.14 -14.67 7.35
N LYS B 30 8.69 -13.57 6.73
CA LYS B 30 8.17 -13.66 5.36
C LYS B 30 9.25 -14.09 4.39
N GLN B 31 10.46 -13.55 4.56
CA GLN B 31 11.57 -13.95 3.69
C GLN B 31 11.95 -15.41 3.91
N ILE B 32 11.86 -15.88 5.15
CA ILE B 32 12.11 -17.30 5.42
C ILE B 32 11.02 -18.15 4.78
N ALA B 33 9.77 -17.68 4.84
CA ALA B 33 8.66 -18.42 4.26
C ALA B 33 8.78 -18.51 2.75
N GLN B 34 9.32 -17.47 2.13
CA GLN B 34 9.49 -17.46 0.68
C GLN B 34 10.42 -18.56 0.17
N LYS B 35 11.23 -19.17 1.05
CA LYS B 35 12.17 -20.22 0.63
C LYS B 35 12.06 -21.50 1.44
N ILE B 36 11.28 -21.50 2.53
CA ILE B 36 11.10 -22.68 3.35
C ILE B 36 9.73 -23.29 3.17
N GLY B 37 8.72 -22.48 2.85
CA GLY B 37 7.41 -22.98 2.47
C GLY B 37 6.38 -22.93 3.57
N VAL B 38 6.77 -22.62 4.80
CA VAL B 38 5.85 -22.57 5.94
C VAL B 38 5.40 -21.13 6.13
N PRO B 39 4.11 -20.89 6.33
CA PRO B 39 3.63 -19.50 6.48
C PRO B 39 4.33 -18.80 7.63
N ALA B 40 4.50 -17.49 7.49
CA ALA B 40 5.34 -16.74 8.42
C ALA B 40 4.76 -16.72 9.82
N PHE B 41 3.44 -16.75 9.97
CA PHE B 41 2.87 -16.70 11.31
C PHE B 41 3.12 -17.99 12.09
N GLN B 42 3.37 -19.12 11.41
CA GLN B 42 3.73 -20.33 12.12
C GLN B 42 5.16 -20.30 12.64
N GLN B 43 6.02 -19.48 12.06
CA GLN B 43 7.41 -19.42 12.46
C GLN B 43 7.57 -18.66 13.77
N ARG B 44 8.63 -19.01 14.51
CA ARG B 44 9.05 -18.27 15.69
C ARG B 44 10.56 -18.32 15.76
N LEU B 45 11.18 -17.13 15.81
CA LEU B 45 12.62 -16.99 15.79
C LEU B 45 13.13 -16.63 17.18
N ALA B 46 14.36 -17.04 17.47
CA ALA B 46 15.00 -16.77 18.76
C ALA B 46 16.50 -16.59 18.56
N HIS B 47 17.03 -15.46 19.04
CA HIS B 47 18.46 -15.19 18.98
C HIS B 47 19.02 -15.09 20.39
N GLN B 48 20.05 -15.89 20.66
CA GLN B 48 20.70 -15.92 21.97
C GLN B 48 19.68 -16.22 23.07
N THR B 49 18.79 -17.17 22.79
CA THR B 49 17.70 -17.57 23.69
C THR B 49 16.83 -16.37 24.08
N ALA B 50 16.25 -15.75 23.06
CA ALA B 50 15.37 -14.60 23.28
C ALA B 50 14.41 -14.50 22.10
N VAL B 51 13.11 -14.55 22.40
CA VAL B 51 12.09 -14.51 21.36
C VAL B 51 12.10 -13.13 20.71
N LEU B 52 12.04 -13.10 19.38
CA LEU B 52 12.09 -11.87 18.62
C LEU B 52 10.68 -11.38 18.35
N GLN B 53 10.41 -10.13 18.72
CA GLN B 53 9.09 -9.55 18.46
C GLN B 53 8.96 -9.21 16.98
N ASP B 54 7.81 -9.53 16.40
CA ASP B 54 7.61 -9.39 14.96
C ASP B 54 7.63 -7.93 14.51
N GLY B 55 7.50 -6.98 15.43
CA GLY B 55 7.50 -5.58 15.08
C GLY B 55 8.83 -4.88 15.25
N LEU B 56 9.77 -5.54 15.92
CA LEU B 56 11.06 -4.93 16.23
C LEU B 56 12.03 -5.10 15.07
N THR B 57 12.96 -4.16 14.97
CA THR B 57 13.94 -4.17 13.90
C THR B 57 15.17 -4.98 14.31
N LEU B 58 15.85 -5.54 13.30
CA LEU B 58 17.07 -6.29 13.58
C LEU B 58 18.15 -5.41 14.18
N SER B 59 18.16 -4.12 13.85
CA SER B 59 19.13 -3.21 14.44
C SER B 59 18.88 -3.05 15.92
N SER B 60 17.61 -2.99 16.33
CA SER B 60 17.29 -2.83 17.74
C SER B 60 17.60 -4.09 18.54
N LEU B 61 17.79 -5.22 17.86
CA LEU B 61 18.05 -6.49 18.53
C LEU B 61 19.55 -6.80 18.64
N GLY B 62 20.40 -5.98 18.06
CA GLY B 62 21.83 -6.24 18.06
C GLY B 62 22.26 -7.40 17.19
N LEU B 63 21.51 -7.70 16.13
CA LEU B 63 21.87 -8.78 15.22
C LEU B 63 22.83 -8.29 14.15
N GLY B 64 23.74 -9.16 13.76
CA GLY B 64 24.73 -8.83 12.77
C GLY B 64 25.16 -10.05 12.00
N PRO B 65 26.13 -9.89 11.10
CA PRO B 65 26.59 -11.04 10.30
C PRO B 65 27.24 -12.12 11.14
N SER B 66 27.88 -11.74 12.24
CA SER B 66 28.50 -12.69 13.16
C SER B 66 27.50 -13.24 14.19
N SER B 67 26.28 -13.54 13.74
CA SER B 67 25.23 -14.03 14.62
C SER B 67 24.41 -15.08 13.88
N THR B 68 23.67 -15.88 14.65
CA THR B 68 22.81 -16.92 14.12
C THR B 68 21.53 -16.95 14.92
N VAL B 69 20.43 -17.31 14.25
CA VAL B 69 19.12 -17.36 14.86
C VAL B 69 18.60 -18.79 14.78
N MET B 70 17.77 -19.16 15.75
CA MET B 70 17.19 -20.49 15.80
C MET B 70 15.69 -20.36 15.51
N LEU B 71 15.22 -21.16 14.57
CA LEU B 71 13.85 -21.13 14.12
C LEU B 71 13.12 -22.37 14.62
N VAL B 72 11.91 -22.18 15.12
CA VAL B 72 10.98 -23.26 15.38
C VAL B 72 9.62 -22.84 14.84
N VAL B 73 9.08 -23.63 13.94
CA VAL B 73 7.77 -23.31 13.37
C VAL B 73 6.71 -23.97 14.22
N GLN B 74 5.66 -23.22 14.52
CA GLN B 74 4.64 -23.74 15.41
C GLN B 74 3.68 -24.64 14.64
N ASN B 75 2.95 -25.44 15.41
CA ASN B 75 2.19 -26.54 14.86
C ASN B 75 0.70 -26.25 14.92
N CYS B 76 0.30 -25.10 14.40
CA CYS B 76 -1.10 -24.72 14.48
C CYS B 76 -1.93 -25.69 13.65
N SER B 77 -3.02 -26.17 14.24
CA SER B 77 -3.97 -27.06 13.58
C SER B 77 -5.41 -26.66 13.82
N GLU B 78 -5.76 -26.05 14.97
CA GLU B 78 -7.15 -25.82 15.34
C GLU B 78 -7.72 -24.61 14.60
N PRO B 79 -9.04 -24.62 14.36
CA PRO B 79 -9.69 -23.42 13.81
C PRO B 79 -10.11 -22.45 14.91
N LEU B 80 -10.89 -21.44 14.56
CA LEU B 80 -11.32 -20.45 15.53
C LEU B 80 -12.55 -19.72 14.99
N SER B 81 -13.46 -19.40 15.91
CA SER B 81 -14.64 -18.60 15.60
C SER B 81 -14.32 -17.15 15.90
N ILE B 82 -14.45 -16.30 14.89
CA ILE B 82 -14.10 -14.89 15.00
C ILE B 82 -15.33 -14.05 14.69
N LEU B 83 -15.31 -12.83 15.23
CA LEU B 83 -16.41 -11.89 15.09
C LEU B 83 -16.09 -10.90 13.98
N VAL B 84 -17.00 -10.77 13.02
CA VAL B 84 -16.89 -9.83 11.93
C VAL B 84 -17.96 -8.77 12.12
N ARG B 85 -17.54 -7.50 12.17
CA ARG B 85 -18.44 -6.37 12.33
C ARG B 85 -18.84 -5.81 10.97
N ASN B 86 -19.98 -5.14 10.96
CA ASN B 86 -20.49 -4.48 9.76
C ASN B 86 -20.31 -2.98 9.91
N GLU B 87 -20.33 -2.29 8.77
CA GLU B 87 -20.18 -0.84 8.78
C GLU B 87 -21.38 -0.15 9.38
N ARG B 88 -22.55 -0.81 9.42
CA ARG B 88 -23.72 -0.27 10.08
C ARG B 88 -23.82 -0.68 11.54
N GLY B 89 -22.96 -1.59 11.99
CA GLY B 89 -22.94 -2.04 13.37
C GLY B 89 -23.25 -3.52 13.57
N HIS B 90 -23.73 -4.22 12.55
CA HIS B 90 -24.12 -5.63 12.71
C HIS B 90 -22.89 -6.49 12.98
N SER B 91 -23.11 -7.56 13.74
CA SER B 91 -22.04 -8.49 14.13
C SER B 91 -22.43 -9.90 13.75
N ASN B 92 -21.47 -10.65 13.21
CA ASN B 92 -21.68 -12.05 12.86
C ASN B 92 -20.49 -12.86 13.32
N ILE B 93 -20.69 -14.18 13.40
CA ILE B 93 -19.65 -15.10 13.84
C ILE B 93 -19.33 -16.06 12.70
N TYR B 94 -18.04 -16.24 12.44
CA TYR B 94 -17.58 -17.10 11.36
C TYR B 94 -16.49 -18.03 11.88
N GLU B 95 -16.59 -19.30 11.55
CA GLU B 95 -15.58 -20.28 11.94
C GLU B 95 -14.59 -20.45 10.79
N VAL B 96 -13.35 -19.99 11.01
CA VAL B 96 -12.34 -19.97 9.97
C VAL B 96 -11.06 -20.61 10.50
N PHE B 97 -10.10 -20.79 9.59
CA PHE B 97 -8.79 -21.35 9.88
C PHE B 97 -7.71 -20.34 9.55
N LEU B 98 -6.60 -20.38 10.29
CA LEU B 98 -5.52 -19.44 10.02
C LEU B 98 -4.89 -19.67 8.65
N THR B 99 -5.07 -20.85 8.07
CA THR B 99 -4.52 -21.17 6.76
C THR B 99 -5.44 -20.78 5.61
N GLN B 100 -6.69 -20.43 5.88
CA GLN B 100 -7.59 -19.99 4.83
C GLN B 100 -7.23 -18.59 4.38
N THR B 101 -7.35 -18.34 3.07
CA THR B 101 -7.04 -17.03 2.53
C THR B 101 -8.12 -16.02 2.92
N VAL B 102 -7.79 -14.75 2.77
CA VAL B 102 -8.79 -13.72 3.04
C VAL B 102 -9.91 -13.79 2.03
N ASP B 103 -9.62 -14.25 0.81
CA ASP B 103 -10.66 -14.40 -0.21
C ASP B 103 -11.76 -15.33 0.27
N THR B 104 -11.40 -16.42 0.97
CA THR B 104 -12.41 -17.33 1.47
C THR B 104 -13.25 -16.68 2.58
N LEU B 105 -12.65 -15.81 3.39
CA LEU B 105 -13.42 -15.12 4.42
C LEU B 105 -14.39 -14.11 3.79
N LYS B 106 -13.95 -13.41 2.75
CA LYS B 106 -14.84 -12.53 2.02
C LYS B 106 -15.99 -13.31 1.39
N LYS B 107 -15.69 -14.49 0.82
CA LYS B 107 -16.75 -15.34 0.29
C LYS B 107 -17.73 -15.76 1.39
N LYS B 108 -17.22 -16.07 2.58
CA LYS B 108 -18.08 -16.50 3.68
C LYS B 108 -19.02 -15.38 4.10
N VAL B 109 -18.48 -14.18 4.33
CA VAL B 109 -19.33 -13.07 4.75
C VAL B 109 -20.28 -12.65 3.63
N SER B 110 -19.85 -12.78 2.37
CA SER B 110 -20.74 -12.56 1.25
C SER B 110 -21.93 -13.51 1.29
N GLN B 111 -21.67 -14.82 1.22
CA GLN B 111 -22.74 -15.81 1.31
C GLN B 111 -23.59 -15.64 2.56
N ARG B 112 -23.02 -15.05 3.61
CA ARG B 112 -23.78 -14.78 4.83
C ARG B 112 -24.77 -13.63 4.63
N GLU B 113 -24.33 -12.54 4.00
CA GLU B 113 -25.19 -11.38 3.86
C GLU B 113 -25.42 -10.96 2.41
N GLN B 114 -24.98 -11.77 1.44
CA GLN B 114 -25.25 -11.56 0.01
C GLN B 114 -24.78 -10.18 -0.44
N VAL B 115 -23.46 -10.01 -0.42
CA VAL B 115 -22.78 -8.85 -0.95
C VAL B 115 -21.73 -9.34 -1.95
N HIS B 116 -21.51 -8.55 -3.00
CA HIS B 116 -20.54 -8.97 -4.02
C HIS B 116 -19.14 -9.02 -3.43
N GLU B 117 -18.36 -9.97 -3.93
CA GLU B 117 -16.99 -10.13 -3.46
C GLU B 117 -16.17 -8.86 -3.72
N ASP B 118 -16.44 -8.20 -4.84
CA ASP B 118 -15.72 -6.99 -5.21
C ASP B 118 -16.43 -5.74 -4.69
N GLN B 119 -17.43 -5.89 -3.82
CA GLN B 119 -18.20 -4.76 -3.34
C GLN B 119 -17.81 -4.30 -1.95
N PHE B 120 -16.84 -4.96 -1.30
CA PHE B 120 -16.44 -4.56 0.04
C PHE B 120 -15.03 -5.07 0.30
N TRP B 121 -14.42 -4.54 1.37
CA TRP B 121 -13.12 -4.98 1.86
C TRP B 121 -13.21 -5.11 3.38
N LEU B 122 -12.14 -5.61 3.98
CA LEU B 122 -12.11 -5.86 5.42
C LEU B 122 -10.73 -5.54 5.99
N SER B 123 -10.70 -5.36 7.31
CA SER B 123 -9.51 -4.86 7.99
C SER B 123 -9.54 -5.31 9.44
N PHE B 124 -8.42 -5.84 9.91
CA PHE B 124 -8.24 -6.25 11.30
C PHE B 124 -7.26 -5.32 11.99
N GLU B 125 -7.65 -4.84 13.17
CA GLU B 125 -6.77 -4.02 14.02
C GLU B 125 -6.21 -2.83 13.25
N GLY B 126 -7.05 -2.23 12.41
CA GLY B 126 -6.67 -1.05 11.66
C GLY B 126 -5.87 -1.30 10.41
N ARG B 127 -5.40 -2.53 10.20
CA ARG B 127 -4.63 -2.85 8.99
C ARG B 127 -5.58 -3.38 7.93
N PRO B 128 -5.60 -2.80 6.73
CA PRO B 128 -6.40 -3.40 5.64
C PRO B 128 -5.86 -4.77 5.26
N MET B 129 -6.74 -5.76 5.27
CA MET B 129 -6.32 -7.14 5.05
C MET B 129 -6.33 -7.43 3.57
N GLU B 130 -5.16 -7.73 3.00
CA GLU B 130 -5.01 -8.01 1.58
C GLU B 130 -5.77 -9.28 1.21
N ASP B 131 -6.11 -9.39 -0.07
CA ASP B 131 -7.04 -10.43 -0.51
C ASP B 131 -6.36 -11.80 -0.55
N LYS B 132 -5.29 -11.90 -1.33
CA LYS B 132 -4.68 -13.21 -1.58
C LYS B 132 -3.78 -13.69 -0.45
N GLU B 133 -3.75 -13.00 0.69
CA GLU B 133 -2.90 -13.38 1.82
C GLU B 133 -3.70 -14.14 2.87
N LEU B 134 -2.99 -14.90 3.68
CA LEU B 134 -3.62 -15.73 4.69
C LEU B 134 -4.12 -14.89 5.85
N LEU B 135 -5.06 -15.46 6.60
CA LEU B 135 -5.61 -14.76 7.77
C LEU B 135 -4.59 -14.71 8.90
N GLY B 136 -3.84 -15.79 9.09
CA GLY B 136 -2.89 -15.84 10.19
C GLY B 136 -1.79 -14.82 10.06
N GLU B 137 -1.60 -14.26 8.86
CA GLU B 137 -0.61 -13.22 8.68
C GLU B 137 -1.00 -11.91 9.36
N TYR B 138 -2.23 -11.81 9.88
CA TYR B 138 -2.67 -10.63 10.60
C TYR B 138 -2.83 -10.86 12.10
N GLY B 139 -2.49 -12.04 12.60
CA GLY B 139 -2.59 -12.32 14.02
C GLY B 139 -4.02 -12.42 14.51
N LEU B 140 -4.83 -13.21 13.83
CA LEU B 140 -6.24 -13.34 14.20
C LEU B 140 -6.33 -14.21 15.45
N LYS B 141 -6.66 -13.57 16.57
CA LYS B 141 -6.83 -14.29 17.82
C LYS B 141 -8.22 -14.92 17.89
N PRO B 142 -8.40 -15.92 18.75
CA PRO B 142 -9.75 -16.48 18.94
C PRO B 142 -10.71 -15.42 19.46
N GLN B 143 -11.93 -15.44 18.91
CA GLN B 143 -12.99 -14.51 19.31
C GLN B 143 -12.58 -13.05 19.14
N CYS B 144 -11.74 -12.77 18.15
CA CYS B 144 -11.31 -11.40 17.90
C CYS B 144 -12.37 -10.67 17.07
N THR B 145 -12.05 -9.44 16.70
CA THR B 145 -12.98 -8.56 15.98
C THR B 145 -12.33 -8.11 14.68
N VAL B 146 -13.05 -8.32 13.57
CA VAL B 146 -12.63 -7.93 12.24
C VAL B 146 -13.67 -6.96 11.68
N ILE B 147 -13.20 -5.86 11.11
CA ILE B 147 -14.08 -4.81 10.61
C ILE B 147 -14.28 -5.00 9.11
N LYS B 148 -15.48 -4.68 8.63
CA LYS B 148 -15.83 -4.81 7.23
C LYS B 148 -16.35 -3.47 6.73
N HIS B 149 -15.77 -2.99 5.63
CA HIS B 149 -16.12 -1.71 5.03
C HIS B 149 -16.61 -1.94 3.60
N LEU B 150 -17.63 -1.18 3.21
CA LEU B 150 -18.18 -1.26 1.86
C LEU B 150 -17.44 -0.25 0.99
N ARG B 151 -16.59 -0.74 0.10
CA ARG B 151 -15.81 0.13 -0.76
C ARG B 151 -16.70 0.73 -1.83
N LEU B 152 -16.62 2.04 -1.97
CA LEU B 152 -17.42 2.75 -2.96
C LEU B 152 -16.72 2.56 -4.31
N ARG B 153 -17.22 1.62 -5.10
CA ARG B 153 -16.64 1.33 -6.41
C ARG B 153 -16.89 2.53 -7.34
N GLY B 154 -15.83 3.25 -7.68
CA GLY B 154 -15.97 4.41 -8.56
C GLY B 154 -14.70 4.68 -9.32
N GLY B 155 -14.86 5.36 -10.45
CA GLY B 155 -13.73 5.67 -11.31
C GLY B 155 -14.15 6.34 -12.61
ZN ZN C . -26.19 -0.21 27.26
#